data_1S4W
#
_entry.id   1S4W
#
_entity_poly.entity_id   1
_entity_poly.type   'polypeptide(L)'
_entity_poly.pdbx_seq_one_letter_code
;KVGFFKRNRPPLEEDDEEGE
;
_entity_poly.pdbx_strand_id   A
#
# COMPACT_ATOMS: atom_id res chain seq x y z
N LYS A 1 -8.08 -7.99 5.88
CA LYS A 1 -7.34 -9.09 5.22
C LYS A 1 -5.88 -9.06 5.66
N VAL A 2 -4.96 -9.04 4.73
CA VAL A 2 -3.51 -9.01 5.11
C VAL A 2 -3.10 -7.58 5.42
N GLY A 3 -3.78 -6.94 6.34
CA GLY A 3 -3.44 -5.54 6.71
C GLY A 3 -1.94 -5.35 6.78
N PHE A 4 -1.30 -6.36 7.24
CA PHE A 4 0.18 -6.40 7.38
C PHE A 4 0.89 -5.50 6.41
N PHE A 5 0.77 -5.95 5.24
CA PHE A 5 1.44 -5.42 4.11
C PHE A 5 0.54 -4.39 3.49
N LYS A 6 -0.71 -4.60 3.67
CA LYS A 6 -1.69 -3.63 3.14
C LYS A 6 -1.52 -2.36 3.97
N ARG A 7 -0.77 -2.48 5.04
CA ARG A 7 -0.51 -1.31 5.92
C ARG A 7 0.89 -0.78 5.60
N ASN A 8 1.67 -1.55 4.90
CA ASN A 8 3.05 -1.11 4.55
C ASN A 8 3.43 -1.64 3.17
N ARG A 9 2.71 -1.24 2.16
CA ARG A 9 3.04 -1.71 0.78
C ARG A 9 4.48 -1.29 0.45
N PRO A 10 5.30 -2.18 -0.11
CA PRO A 10 6.69 -1.83 -0.45
C PRO A 10 6.73 -0.60 -1.36
N PRO A 11 7.91 -0.01 -1.50
CA PRO A 11 8.13 1.16 -2.37
C PRO A 11 7.45 1.03 -3.74
N LEU A 12 7.98 1.74 -4.69
CA LEU A 12 7.37 1.76 -6.05
C LEU A 12 5.95 2.26 -5.89
N GLU A 13 5.75 2.75 -4.74
CA GLU A 13 4.50 3.38 -4.31
C GLU A 13 4.98 4.77 -3.94
N GLU A 14 6.25 4.81 -3.63
CA GLU A 14 6.97 6.06 -3.31
C GLU A 14 6.05 7.07 -2.62
N ASP A 15 5.08 6.60 -1.88
CA ASP A 15 4.20 7.55 -1.13
C ASP A 15 3.50 6.83 -0.01
N ASP A 16 4.17 5.95 0.62
CA ASP A 16 3.51 5.21 1.69
C ASP A 16 2.24 4.63 1.10
N GLU A 17 2.44 3.88 0.04
CA GLU A 17 1.33 3.25 -0.71
C GLU A 17 0.78 4.18 -1.78
N GLU A 18 1.47 5.26 -2.19
CA GLU A 18 0.87 6.14 -3.25
C GLU A 18 -0.17 7.07 -2.60
N GLY A 19 -0.08 7.23 -1.31
CA GLY A 19 -1.06 8.12 -0.61
C GLY A 19 -0.67 9.58 -0.84
N GLU A 20 -0.98 10.44 0.09
CA GLU A 20 -0.63 11.88 -0.08
C GLU A 20 0.89 12.03 -0.16
N LYS A 1 -8.52 -7.86 6.83
CA LYS A 1 -7.72 -8.42 5.70
C LYS A 1 -6.24 -8.43 6.09
N VAL A 2 -5.38 -8.91 5.22
CA VAL A 2 -3.94 -8.95 5.55
C VAL A 2 -3.39 -7.52 5.62
N GLY A 3 -4.04 -6.67 6.35
CA GLY A 3 -3.58 -5.25 6.48
C GLY A 3 -2.07 -5.21 6.69
N PHE A 4 -1.59 -6.19 7.36
CA PHE A 4 -0.15 -6.35 7.67
C PHE A 4 0.74 -5.65 6.69
N PHE A 5 0.69 -6.23 5.57
CA PHE A 5 1.51 -5.91 4.47
C PHE A 5 0.78 -4.93 3.61
N LYS A 6 -0.50 -5.04 3.66
CA LYS A 6 -1.34 -4.11 2.88
C LYS A 6 -1.16 -2.74 3.51
N ARG A 7 -0.56 -2.71 4.67
CA ARG A 7 -0.31 -1.44 5.37
C ARG A 7 1.16 -1.06 5.19
N ASN A 8 1.97 -2.01 4.82
CA ASN A 8 3.42 -1.74 4.62
C ASN A 8 3.68 -1.44 3.14
N ARG A 9 2.65 -1.15 2.39
CA ARG A 9 2.82 -0.84 0.94
C ARG A 9 4.04 0.11 0.75
N PRO A 10 5.16 -0.37 0.23
CA PRO A 10 6.34 0.50 0.06
C PRO A 10 6.02 1.67 -0.86
N PRO A 11 6.87 2.67 -0.86
CA PRO A 11 6.71 3.86 -1.72
C PRO A 11 6.35 3.50 -3.17
N LEU A 12 6.57 4.41 -4.06
CA LEU A 12 6.19 4.19 -5.48
C LEU A 12 4.68 4.12 -5.49
N GLU A 13 4.17 4.45 -4.38
CA GLU A 13 2.75 4.56 -4.10
C GLU A 13 2.61 6.02 -3.72
N GLU A 14 3.74 6.54 -3.29
CA GLU A 14 3.89 7.95 -2.93
C GLU A 14 2.60 8.55 -2.37
N ASP A 15 1.78 7.76 -1.75
CA ASP A 15 0.55 8.32 -1.14
C ASP A 15 -0.11 7.31 -0.24
N ASP A 16 0.66 6.53 0.42
CA ASP A 16 0.04 5.52 1.26
C ASP A 16 -0.88 4.71 0.37
N GLU A 17 -0.29 4.17 -0.66
CA GLU A 17 -1.00 3.36 -1.67
C GLU A 17 -1.56 4.25 -2.79
N GLU A 18 -1.14 5.52 -2.93
CA GLU A 18 -1.72 6.34 -4.06
C GLU A 18 -3.09 6.87 -3.61
N GLY A 19 -3.35 6.85 -2.34
CA GLY A 19 -4.65 7.36 -1.82
C GLY A 19 -5.79 6.61 -2.53
N GLU A 20 -6.29 5.56 -1.92
CA GLU A 20 -7.40 4.80 -2.56
C GLU A 20 -8.51 5.77 -2.98
N LYS A 1 -7.88 -11.23 5.82
CA LYS A 1 -7.30 -10.00 5.21
C LYS A 1 -5.78 -10.04 5.36
N VAL A 2 -5.10 -9.00 4.93
CA VAL A 2 -3.61 -8.96 5.06
C VAL A 2 -3.17 -7.53 5.34
N GLY A 3 -3.84 -6.87 6.24
CA GLY A 3 -3.49 -5.46 6.59
C GLY A 3 -1.99 -5.31 6.72
N PHE A 4 -1.39 -6.33 7.21
CA PHE A 4 0.08 -6.40 7.42
C PHE A 4 0.85 -5.53 6.47
N PHE A 5 0.79 -5.98 5.29
CA PHE A 5 1.52 -5.47 4.21
C PHE A 5 0.67 -4.44 3.53
N LYS A 6 -0.60 -4.62 3.65
CA LYS A 6 -1.52 -3.63 3.07
C LYS A 6 -1.36 -2.37 3.89
N ARG A 7 -0.66 -2.49 5.00
CA ARG A 7 -0.41 -1.35 5.88
C ARG A 7 1.00 -0.82 5.59
N ASN A 8 1.79 -1.60 4.93
CA ASN A 8 3.19 -1.18 4.60
C ASN A 8 3.53 -1.58 3.17
N ARG A 9 2.56 -1.62 2.30
CA ARG A 9 2.83 -2.00 0.89
C ARG A 9 4.02 -1.16 0.37
N PRO A 10 4.70 -1.63 -0.67
CA PRO A 10 5.84 -0.89 -1.25
C PRO A 10 5.37 0.43 -1.90
N PRO A 11 5.76 1.57 -1.35
CA PRO A 11 5.37 2.86 -1.95
C PRO A 11 5.81 2.93 -3.41
N LEU A 12 6.02 4.12 -3.88
CA LEU A 12 6.41 4.33 -5.31
C LEU A 12 5.30 3.73 -6.14
N GLU A 13 4.26 3.46 -5.46
CA GLU A 13 3.01 2.95 -5.99
C GLU A 13 2.04 4.04 -5.60
N GLU A 14 2.42 4.70 -4.52
CA GLU A 14 1.69 5.86 -4.00
C GLU A 14 0.18 5.71 -4.19
N ASP A 15 -0.31 4.51 -4.31
CA ASP A 15 -1.78 4.34 -4.44
C ASP A 15 -2.18 2.92 -4.16
N ASP A 16 -1.51 2.30 -3.28
CA ASP A 16 -1.88 0.91 -3.02
C ASP A 16 -1.74 0.16 -4.33
N GLU A 17 -0.60 0.36 -4.95
CA GLU A 17 -0.28 -0.27 -6.25
C GLU A 17 -0.61 0.70 -7.40
N GLU A 18 -0.86 1.99 -7.16
CA GLU A 18 -1.18 2.89 -8.32
C GLU A 18 -2.66 2.69 -8.67
N GLY A 19 -3.40 2.11 -7.77
CA GLY A 19 -4.86 1.87 -8.03
C GLY A 19 -5.01 0.92 -9.22
N GLU A 20 -3.94 0.27 -9.62
CA GLU A 20 -4.03 -0.66 -10.77
C GLU A 20 -4.49 0.10 -12.02
N LYS A 1 -7.90 -9.16 4.16
CA LYS A 1 -7.77 -8.33 5.39
C LYS A 1 -6.32 -8.40 5.91
N VAL A 2 -5.40 -8.80 5.07
CA VAL A 2 -3.99 -8.89 5.51
C VAL A 2 -3.40 -7.47 5.61
N GLY A 3 -4.13 -6.59 6.25
CA GLY A 3 -3.66 -5.18 6.41
C GLY A 3 -2.17 -5.13 6.69
N PHE A 4 -1.73 -6.10 7.42
CA PHE A 4 -0.31 -6.26 7.81
C PHE A 4 0.64 -5.62 6.83
N PHE A 5 0.65 -6.28 5.75
CA PHE A 5 1.54 -6.04 4.68
C PHE A 5 0.85 -5.09 3.73
N LYS A 6 -0.43 -5.17 3.74
CA LYS A 6 -1.20 -4.26 2.88
C LYS A 6 -0.99 -2.87 3.46
N ARG A 7 -0.42 -2.81 4.64
CA ARG A 7 -0.14 -1.52 5.30
C ARG A 7 1.33 -1.17 5.03
N ASN A 8 2.10 -2.15 4.69
CA ASN A 8 3.55 -1.91 4.40
C ASN A 8 3.70 -1.39 2.97
N ARG A 9 2.61 -1.16 2.29
CA ARG A 9 2.70 -0.65 0.90
C ARG A 9 3.71 0.52 0.84
N PRO A 10 4.72 0.47 -0.02
CA PRO A 10 5.71 1.56 -0.10
C PRO A 10 5.02 2.90 -0.41
N PRO A 11 5.68 3.99 -0.07
CA PRO A 11 5.17 5.36 -0.35
C PRO A 11 4.66 5.52 -1.78
N LEU A 12 4.71 6.73 -2.25
CA LEU A 12 4.19 7.06 -3.60
C LEU A 12 2.69 6.89 -3.55
N GLU A 13 2.27 6.66 -2.37
CA GLU A 13 0.87 6.54 -1.99
C GLU A 13 0.74 7.68 -1.00
N GLU A 14 1.88 8.03 -0.45
CA GLU A 14 2.02 9.15 0.48
C GLU A 14 0.75 9.37 1.32
N ASP A 15 0.04 8.31 1.62
CA ASP A 15 -1.17 8.47 2.47
C ASP A 15 -1.56 7.13 3.06
N ASP A 16 -0.61 6.35 3.37
CA ASP A 16 -0.96 5.03 3.92
C ASP A 16 -1.86 4.35 2.91
N GLU A 17 -1.41 4.40 1.68
CA GLU A 17 -2.14 3.80 0.53
C GLU A 17 -2.97 4.87 -0.19
N GLU A 18 -2.75 6.17 0.02
CA GLU A 18 -3.60 7.18 -0.72
C GLU A 18 -4.94 7.29 0.02
N GLY A 19 -4.97 6.82 1.25
CA GLY A 19 -6.23 6.90 2.04
C GLY A 19 -7.18 5.78 1.62
N GLU A 20 -8.36 5.74 2.17
CA GLU A 20 -9.32 4.67 1.80
C GLU A 20 -9.42 4.57 0.28
N LYS A 1 -8.35 -10.84 4.77
CA LYS A 1 -7.60 -9.58 4.54
C LYS A 1 -6.16 -9.73 5.06
N VAL A 2 -5.33 -8.76 4.81
CA VAL A 2 -3.91 -8.84 5.29
C VAL A 2 -3.37 -7.42 5.48
N GLY A 3 -4.10 -6.59 6.16
CA GLY A 3 -3.64 -5.17 6.39
C GLY A 3 -2.16 -5.14 6.70
N PHE A 4 -1.72 -6.13 7.39
CA PHE A 4 -0.31 -6.29 7.78
C PHE A 4 0.65 -5.63 6.84
N PHE A 5 0.67 -6.24 5.73
CA PHE A 5 1.55 -5.97 4.67
C PHE A 5 0.88 -4.98 3.76
N LYS A 6 -0.40 -5.05 3.76
CA LYS A 6 -1.16 -4.10 2.92
C LYS A 6 -0.95 -2.74 3.56
N ARG A 7 -0.39 -2.74 4.75
CA ARG A 7 -0.11 -1.47 5.46
C ARG A 7 1.36 -1.11 5.23
N ASN A 8 2.14 -2.08 4.84
CA ASN A 8 3.59 -1.83 4.57
C ASN A 8 3.80 -1.60 3.08
N ARG A 9 2.75 -1.28 2.37
CA ARG A 9 2.90 -1.04 0.90
C ARG A 9 3.35 0.42 0.65
N PRO A 10 4.53 0.65 0.09
CA PRO A 10 4.99 2.03 -0.16
C PRO A 10 4.02 2.73 -1.13
N PRO A 11 3.86 4.03 -0.99
CA PRO A 11 2.98 4.80 -1.88
C PRO A 11 3.13 4.40 -3.35
N LEU A 12 2.32 5.01 -4.15
CA LEU A 12 2.26 4.79 -5.62
C LEU A 12 1.75 3.40 -5.95
N GLU A 13 1.66 2.64 -4.95
CA GLU A 13 1.05 1.30 -5.02
C GLU A 13 -0.22 1.53 -4.25
N GLU A 14 -0.14 2.56 -3.44
CA GLU A 14 -1.27 3.05 -2.64
C GLU A 14 -2.41 3.27 -3.61
N ASP A 15 -3.56 3.67 -3.16
CA ASP A 15 -4.64 3.92 -4.14
C ASP A 15 -4.32 5.21 -4.87
N ASP A 16 -3.07 5.55 -4.92
CA ASP A 16 -2.67 6.79 -5.64
C ASP A 16 -2.79 6.53 -7.13
N GLU A 17 -4.00 6.41 -7.62
CA GLU A 17 -4.21 6.15 -9.06
C GLU A 17 -3.88 4.68 -9.35
N GLU A 18 -3.99 3.81 -8.37
CA GLU A 18 -3.68 2.37 -8.61
C GLU A 18 -4.60 1.50 -7.76
N GLY A 19 -5.33 2.10 -6.85
CA GLY A 19 -6.26 1.29 -6.01
C GLY A 19 -7.50 0.92 -6.83
N GLU A 20 -8.52 1.73 -6.78
CA GLU A 20 -9.75 1.43 -7.56
C GLU A 20 -10.57 2.72 -7.76
N LYS A 1 -8.48 -8.91 6.46
CA LYS A 1 -7.57 -8.80 5.28
C LYS A 1 -6.11 -8.81 5.76
N VAL A 2 -5.18 -8.95 4.87
CA VAL A 2 -3.75 -8.96 5.27
C VAL A 2 -3.26 -7.53 5.49
N GLY A 3 -3.99 -6.75 6.27
CA GLY A 3 -3.59 -5.33 6.53
C GLY A 3 -2.10 -5.25 6.75
N PHE A 4 -1.58 -6.25 7.36
CA PHE A 4 -0.14 -6.37 7.66
C PHE A 4 0.73 -5.61 6.71
N PHE A 5 0.71 -6.14 5.56
CA PHE A 5 1.52 -5.76 4.48
C PHE A 5 0.76 -4.75 3.67
N LYS A 6 -0.52 -4.90 3.70
CA LYS A 6 -1.37 -3.95 2.98
C LYS A 6 -1.19 -2.61 3.68
N ARG A 7 -0.58 -2.64 4.83
CA ARG A 7 -0.30 -1.40 5.60
C ARG A 7 1.14 -0.99 5.32
N ASN A 8 1.93 -1.92 4.86
CA ASN A 8 3.36 -1.64 4.55
C ASN A 8 3.54 -1.52 3.02
N ARG A 9 2.52 -1.08 2.34
CA ARG A 9 2.60 -0.93 0.85
C ARG A 9 3.97 -0.31 0.47
N PRO A 10 4.66 -0.87 -0.52
CA PRO A 10 5.98 -0.32 -0.91
C PRO A 10 5.87 1.18 -1.22
N PRO A 11 6.90 1.96 -0.88
CA PRO A 11 6.91 3.41 -1.16
C PRO A 11 6.53 3.73 -2.60
N LEU A 12 6.97 4.86 -3.07
CA LEU A 12 6.59 5.33 -4.44
C LEU A 12 5.20 5.84 -4.29
N GLU A 13 4.47 4.96 -3.79
CA GLU A 13 3.10 5.21 -3.35
C GLU A 13 3.31 5.68 -1.92
N GLU A 14 4.59 5.93 -1.58
CA GLU A 14 5.00 6.42 -0.24
C GLU A 14 3.89 7.31 0.26
N ASP A 15 3.29 7.99 -0.65
CA ASP A 15 2.11 8.77 -0.32
C ASP A 15 1.03 7.74 -0.12
N ASP A 16 1.25 6.77 0.74
CA ASP A 16 0.19 5.72 0.93
C ASP A 16 -1.21 6.36 0.88
N GLU A 17 -1.27 7.65 1.05
CA GLU A 17 -2.56 8.38 0.97
C GLU A 17 -2.82 8.73 -0.51
N GLU A 18 -1.77 8.80 -1.30
CA GLU A 18 -1.93 9.14 -2.77
C GLU A 18 -3.19 8.43 -3.31
N GLY A 19 -3.10 7.15 -3.53
CA GLY A 19 -4.28 6.40 -4.06
C GLY A 19 -5.54 6.79 -3.27
N GLU A 20 -6.60 7.14 -3.94
CA GLU A 20 -7.84 7.54 -3.24
C GLU A 20 -8.27 6.40 -2.30
N LYS A 1 -8.59 -8.76 5.52
CA LYS A 1 -7.53 -8.26 4.60
C LYS A 1 -6.18 -8.32 5.30
N VAL A 2 -5.16 -8.76 4.62
CA VAL A 2 -3.81 -8.84 5.24
C VAL A 2 -3.28 -7.43 5.50
N GLY A 3 -4.05 -6.62 6.19
CA GLY A 3 -3.62 -5.21 6.49
C GLY A 3 -2.13 -5.15 6.77
N PHE A 4 -1.66 -6.17 7.40
CA PHE A 4 -0.24 -6.30 7.76
C PHE A 4 0.68 -5.62 6.78
N PHE A 5 0.67 -6.23 5.67
CA PHE A 5 1.52 -5.91 4.59
C PHE A 5 0.80 -4.94 3.72
N LYS A 6 -0.49 -5.02 3.76
CA LYS A 6 -1.29 -4.08 2.98
C LYS A 6 -1.08 -2.71 3.63
N ARG A 7 -0.48 -2.72 4.79
CA ARG A 7 -0.19 -1.46 5.50
C ARG A 7 1.27 -1.07 5.22
N ASN A 8 2.04 -2.02 4.80
CA ASN A 8 3.48 -1.75 4.49
C ASN A 8 3.65 -1.48 3.00
N ARG A 9 2.57 -1.42 2.26
CA ARG A 9 2.66 -1.16 0.81
C ARG A 9 3.58 0.06 0.57
N PRO A 10 4.27 0.09 -0.57
CA PRO A 10 5.17 1.22 -0.88
C PRO A 10 4.39 2.54 -0.71
N PRO A 11 4.75 3.36 0.29
CA PRO A 11 4.07 4.66 0.51
C PRO A 11 4.12 5.54 -0.74
N LEU A 12 3.94 4.98 -1.89
CA LEU A 12 3.91 5.81 -3.12
C LEU A 12 2.54 6.43 -3.16
N GLU A 13 1.81 6.07 -2.17
CA GLU A 13 0.48 6.60 -1.93
C GLU A 13 0.71 7.75 -0.95
N GLU A 14 1.83 7.65 -0.28
CA GLU A 14 2.29 8.69 0.65
C GLU A 14 1.12 9.38 1.38
N ASP A 15 0.00 8.72 1.52
CA ASP A 15 -1.11 9.36 2.27
C ASP A 15 -2.16 8.35 2.62
N ASP A 16 -1.75 7.20 2.96
CA ASP A 16 -2.75 6.18 3.28
C ASP A 16 -3.68 6.05 2.10
N GLU A 17 -3.08 5.98 0.95
CA GLU A 17 -3.76 5.85 -0.36
C GLU A 17 -3.67 7.17 -1.13
N GLU A 18 -2.86 8.14 -0.69
CA GLU A 18 -2.83 9.42 -1.47
C GLU A 18 -4.10 10.18 -1.11
N GLY A 19 -4.75 9.75 -0.06
CA GLY A 19 -6.01 10.42 0.38
C GLY A 19 -6.93 10.62 -0.83
N GLU A 20 -7.87 9.73 -1.03
CA GLU A 20 -8.79 9.87 -2.19
C GLU A 20 -9.34 11.30 -2.23
N LYS A 1 -7.77 -9.25 4.52
CA LYS A 1 -7.41 -8.98 5.93
C LYS A 1 -5.90 -8.95 6.08
N VAL A 2 -5.17 -8.99 4.99
CA VAL A 2 -3.69 -8.97 5.08
C VAL A 2 -3.22 -7.54 5.34
N GLY A 3 -3.87 -6.87 6.24
CA GLY A 3 -3.50 -5.46 6.58
C GLY A 3 -1.99 -5.33 6.69
N PHE A 4 -1.40 -6.35 7.21
CA PHE A 4 0.06 -6.44 7.41
C PHE A 4 0.85 -5.55 6.48
N PHE A 5 0.78 -6.00 5.30
CA PHE A 5 1.51 -5.49 4.21
C PHE A 5 0.66 -4.45 3.54
N LYS A 6 -0.60 -4.62 3.65
CA LYS A 6 -1.52 -3.63 3.07
C LYS A 6 -1.34 -2.36 3.90
N ARG A 7 -0.64 -2.48 5.00
CA ARG A 7 -0.38 -1.33 5.88
C ARG A 7 1.05 -0.84 5.64
N ASN A 8 1.85 -1.64 4.98
CA ASN A 8 3.27 -1.25 4.71
C ASN A 8 3.62 -1.56 3.24
N ARG A 9 2.64 -1.68 2.40
CA ARG A 9 2.91 -1.98 0.96
C ARG A 9 4.08 -1.11 0.45
N PRO A 10 5.27 -1.68 0.24
CA PRO A 10 6.41 -0.87 -0.24
C PRO A 10 6.10 -0.34 -1.65
N PRO A 11 5.99 0.97 -1.82
CA PRO A 11 5.71 1.54 -3.15
C PRO A 11 6.69 1.04 -4.21
N LEU A 12 6.74 1.71 -5.32
CA LEU A 12 7.61 1.27 -6.46
C LEU A 12 7.04 -0.05 -6.97
N GLU A 13 5.98 -0.34 -6.34
CA GLU A 13 5.12 -1.49 -6.56
C GLU A 13 3.74 -0.82 -6.46
N GLU A 14 3.82 0.48 -6.24
CA GLU A 14 2.68 1.41 -6.10
C GLU A 14 1.33 0.74 -6.39
N ASP A 15 1.13 0.14 -7.53
CA ASP A 15 -0.19 -0.50 -7.79
C ASP A 15 -0.14 -1.93 -7.37
N ASP A 16 0.49 -2.20 -6.29
CA ASP A 16 0.60 -3.60 -5.89
C ASP A 16 1.36 -4.33 -6.97
N GLU A 17 2.35 -3.63 -7.47
CA GLU A 17 3.27 -4.10 -8.54
C GLU A 17 3.14 -3.14 -9.70
N GLU A 18 2.43 -2.02 -9.55
CA GLU A 18 2.30 -1.14 -10.74
C GLU A 18 1.42 -1.91 -11.71
N GLY A 19 0.78 -2.94 -11.20
CA GLY A 19 -0.12 -3.76 -12.06
C GLY A 19 -0.53 -5.02 -11.32
N GLU A 20 -0.34 -6.17 -11.91
CA GLU A 20 -0.72 -7.44 -11.24
C GLU A 20 0.36 -7.82 -10.23
N LYS A 1 -8.05 -11.21 4.92
CA LYS A 1 -7.41 -9.88 4.71
C LYS A 1 -5.92 -9.98 5.02
N VAL A 2 -5.20 -8.90 4.88
CA VAL A 2 -3.73 -8.93 5.17
C VAL A 2 -3.23 -7.50 5.40
N GLY A 3 -3.94 -6.75 6.21
CA GLY A 3 -3.54 -5.34 6.51
C GLY A 3 -2.04 -5.26 6.72
N PHE A 4 -1.51 -6.29 7.25
CA PHE A 4 -0.06 -6.40 7.54
C PHE A 4 0.79 -5.59 6.60
N PHE A 5 0.76 -6.09 5.44
CA PHE A 5 1.56 -5.64 4.37
C PHE A 5 0.77 -4.61 3.61
N LYS A 6 -0.50 -4.77 3.67
CA LYS A 6 -1.39 -3.79 3.00
C LYS A 6 -1.22 -2.48 3.77
N ARG A 7 -0.57 -2.57 4.90
CA ARG A 7 -0.32 -1.38 5.74
C ARG A 7 1.10 -0.90 5.48
N ASN A 8 1.91 -1.77 4.93
CA ASN A 8 3.33 -1.41 4.63
C ASN A 8 3.59 -1.56 3.12
N ARG A 9 2.55 -1.55 2.33
CA ARG A 9 2.72 -1.68 0.87
C ARG A 9 3.81 -0.68 0.39
N PRO A 10 4.50 -1.00 -0.69
CA PRO A 10 5.52 -0.07 -1.21
C PRO A 10 4.84 1.28 -1.51
N PRO A 11 5.22 2.34 -0.81
CA PRO A 11 4.62 3.68 -1.03
C PRO A 11 4.73 4.13 -2.50
N LEU A 12 4.46 3.25 -3.42
CA LEU A 12 4.50 3.66 -4.84
C LEU A 12 3.21 4.38 -5.11
N GLU A 13 2.44 4.41 -4.09
CA GLU A 13 1.17 5.12 -4.06
C GLU A 13 1.51 6.43 -3.36
N GLU A 14 2.65 6.41 -2.70
CA GLU A 14 3.21 7.57 -2.01
C GLU A 14 2.13 8.57 -1.54
N ASP A 15 0.98 8.08 -1.13
CA ASP A 15 -0.06 9.01 -0.63
C ASP A 15 -1.03 8.27 0.26
N ASP A 16 -0.53 7.43 1.07
CA ASP A 16 -1.46 6.68 1.92
C ASP A 16 -2.46 6.01 1.02
N GLU A 17 -1.94 5.46 -0.05
CA GLU A 17 -2.74 4.75 -1.09
C GLU A 17 -3.04 5.68 -2.26
N GLU A 18 -2.31 6.78 -2.46
CA GLU A 18 -2.66 7.66 -3.64
C GLU A 18 -3.86 8.52 -3.26
N GLY A 19 -4.13 8.63 -1.98
CA GLY A 19 -5.29 9.44 -1.53
C GLY A 19 -5.08 10.90 -1.94
N GLU A 20 -5.08 11.80 -1.00
CA GLU A 20 -4.88 13.24 -1.34
C GLU A 20 -3.59 13.40 -2.15
N LYS A 1 -8.43 -7.19 3.82
CA LYS A 1 -7.34 -8.15 3.49
C LYS A 1 -6.29 -8.14 4.62
N VAL A 2 -5.14 -8.68 4.37
CA VAL A 2 -4.08 -8.69 5.42
C VAL A 2 -3.46 -7.29 5.55
N GLY A 3 -4.17 -6.39 6.18
CA GLY A 3 -3.65 -4.99 6.37
C GLY A 3 -2.17 -5.01 6.69
N PHE A 4 -1.80 -6.00 7.42
CA PHE A 4 -0.40 -6.23 7.84
C PHE A 4 0.61 -5.65 6.89
N PHE A 5 0.60 -6.29 5.79
CA PHE A 5 1.52 -6.09 4.75
C PHE A 5 0.91 -5.10 3.79
N LYS A 6 -0.37 -5.14 3.74
CA LYS A 6 -1.09 -4.20 2.87
C LYS A 6 -0.81 -2.81 3.45
N ARG A 7 -0.27 -2.78 4.64
CA ARG A 7 0.07 -1.51 5.30
C ARG A 7 1.57 -1.27 5.12
N ASN A 8 2.27 -2.30 4.77
CA ASN A 8 3.74 -2.19 4.57
C ASN A 8 4.02 -1.58 3.20
N ARG A 9 2.99 -1.21 2.48
CA ARG A 9 3.16 -0.60 1.12
C ARG A 9 2.44 0.78 1.08
N PRO A 10 3.08 1.82 1.59
CA PRO A 10 2.47 3.17 1.59
C PRO A 10 2.43 3.72 0.14
N PRO A 11 1.32 4.28 -0.28
CA PRO A 11 1.19 4.84 -1.66
C PRO A 11 2.43 5.62 -2.09
N LEU A 12 3.04 5.09 -3.09
CA LEU A 12 4.25 5.65 -3.74
C LEU A 12 4.60 4.58 -4.75
N GLU A 13 3.68 4.30 -5.67
CA GLU A 13 3.87 3.19 -6.58
C GLU A 13 4.22 2.07 -5.63
N GLU A 14 3.57 2.19 -4.49
CA GLU A 14 3.84 1.34 -3.34
C GLU A 14 2.49 1.05 -2.64
N ASP A 15 1.39 1.20 -3.34
CA ASP A 15 0.05 0.91 -2.74
C ASP A 15 -1.04 1.06 -3.80
N ASP A 16 -2.26 0.70 -3.47
CA ASP A 16 -3.38 0.82 -4.45
C ASP A 16 -2.88 0.34 -5.80
N GLU A 17 -2.32 -0.84 -5.83
CA GLU A 17 -1.74 -1.35 -7.11
C GLU A 17 -0.64 -0.37 -7.52
N GLU A 18 0.16 0.07 -6.58
CA GLU A 18 1.24 1.01 -6.89
C GLU A 18 0.63 2.20 -7.66
N GLY A 19 -0.18 2.98 -6.99
CA GLY A 19 -0.80 4.15 -7.67
C GLY A 19 -1.41 3.71 -9.01
N GLU A 20 -1.53 4.61 -9.94
CA GLU A 20 -2.11 4.25 -11.26
C GLU A 20 -1.17 3.27 -11.97
N LYS A 1 -7.74 -9.36 3.80
CA LYS A 1 -7.67 -8.48 5.01
C LYS A 1 -6.25 -8.54 5.60
N VAL A 2 -5.27 -8.77 4.77
CA VAL A 2 -3.87 -8.85 5.27
C VAL A 2 -3.33 -7.43 5.49
N GLY A 3 -4.07 -6.61 6.19
CA GLY A 3 -3.64 -5.20 6.46
C GLY A 3 -2.15 -5.16 6.74
N PHE A 4 -1.69 -6.17 7.39
CA PHE A 4 -0.26 -6.33 7.75
C PHE A 4 0.67 -5.65 6.79
N PHE A 5 0.66 -6.25 5.68
CA PHE A 5 1.53 -5.95 4.60
C PHE A 5 0.83 -4.96 3.72
N LYS A 6 -0.46 -5.02 3.75
CA LYS A 6 -1.25 -4.07 2.96
C LYS A 6 -1.03 -2.70 3.60
N ARG A 7 -0.45 -2.72 4.78
CA ARG A 7 -0.15 -1.46 5.50
C ARG A 7 1.30 -1.10 5.24
N ASN A 8 2.08 -2.06 4.82
CA ASN A 8 3.53 -1.81 4.54
C ASN A 8 3.71 -1.47 3.05
N ARG A 9 2.64 -1.47 2.31
CA ARG A 9 2.74 -1.15 0.85
C ARG A 9 3.63 0.11 0.66
N PRO A 10 4.83 -0.02 0.13
CA PRO A 10 5.70 1.16 -0.08
C PRO A 10 4.95 2.17 -0.97
N PRO A 11 4.63 3.34 -0.45
CA PRO A 11 3.91 4.37 -1.25
C PRO A 11 4.64 4.72 -2.55
N LEU A 12 5.16 3.74 -3.23
CA LEU A 12 5.83 4.00 -4.53
C LEU A 12 4.75 4.04 -5.57
N GLU A 13 3.60 3.78 -5.08
CA GLU A 13 2.35 3.84 -5.86
C GLU A 13 1.81 5.22 -5.57
N GLU A 14 2.29 5.77 -4.47
CA GLU A 14 1.94 7.13 -4.01
C GLU A 14 0.53 7.54 -4.47
N ASP A 15 -0.37 6.59 -4.57
CA ASP A 15 -1.77 6.93 -4.95
C ASP A 15 -2.71 5.89 -4.42
N ASP A 16 -2.47 5.41 -3.27
CA ASP A 16 -3.35 4.37 -2.75
C ASP A 16 -3.33 3.23 -3.75
N GLU A 17 -2.12 2.88 -4.12
CA GLU A 17 -1.87 1.80 -5.10
C GLU A 17 -1.72 2.37 -6.51
N GLU A 18 -1.48 3.69 -6.69
CA GLU A 18 -1.33 4.20 -8.10
C GLU A 18 -2.73 4.36 -8.69
N GLY A 19 -3.73 4.39 -7.84
CA GLY A 19 -5.13 4.55 -8.35
C GLY A 19 -6.03 5.04 -7.22
N GLU A 20 -6.82 6.06 -7.47
CA GLU A 20 -7.72 6.57 -6.40
C GLU A 20 -6.90 6.87 -5.15
N LYS A 1 -8.48 -8.66 6.64
CA LYS A 1 -7.64 -8.58 5.41
C LYS A 1 -6.16 -8.63 5.81
N VAL A 2 -5.28 -8.81 4.86
CA VAL A 2 -3.83 -8.87 5.18
C VAL A 2 -3.31 -7.46 5.41
N GLY A 3 -4.03 -6.68 6.17
CA GLY A 3 -3.61 -5.27 6.46
C GLY A 3 -2.13 -5.20 6.73
N PHE A 4 -1.64 -6.22 7.36
CA PHE A 4 -0.21 -6.36 7.70
C PHE A 4 0.70 -5.63 6.75
N PHE A 5 0.70 -6.20 5.61
CA PHE A 5 1.55 -5.85 4.54
C PHE A 5 0.83 -4.84 3.70
N LYS A 6 -0.45 -4.94 3.73
CA LYS A 6 -1.26 -3.96 2.97
C LYS A 6 -1.06 -2.62 3.67
N ARG A 7 -0.46 -2.67 4.85
CA ARG A 7 -0.19 -1.44 5.61
C ARG A 7 1.26 -1.03 5.35
N ASN A 8 2.05 -1.97 4.89
CA ASN A 8 3.48 -1.68 4.60
C ASN A 8 3.67 -1.50 3.09
N ARG A 9 2.60 -1.49 2.34
CA ARG A 9 2.70 -1.32 0.87
C ARG A 9 3.69 -0.17 0.55
N PRO A 10 4.87 -0.46 0.03
CA PRO A 10 5.83 0.61 -0.29
C PRO A 10 5.18 1.60 -1.27
N PRO A 11 4.96 2.85 -0.85
CA PRO A 11 4.35 3.87 -1.73
C PRO A 11 5.12 4.06 -3.04
N LEU A 12 5.62 3.00 -3.61
CA LEU A 12 6.31 3.11 -4.91
C LEU A 12 5.25 3.03 -5.96
N GLU A 13 4.06 3.04 -5.46
CA GLU A 13 2.85 3.05 -6.26
C GLU A 13 2.39 4.49 -6.18
N GLU A 14 2.84 5.14 -5.13
CA GLU A 14 2.59 6.56 -4.89
C GLU A 14 1.19 6.97 -5.40
N ASP A 15 0.26 6.06 -5.41
CA ASP A 15 -1.12 6.42 -5.85
C ASP A 15 -2.12 5.43 -5.33
N ASP A 16 -1.93 4.96 -4.17
CA ASP A 16 -2.87 3.96 -3.66
C ASP A 16 -2.91 2.83 -4.66
N GLU A 17 -1.73 2.39 -5.03
CA GLU A 17 -1.57 1.29 -6.02
C GLU A 17 -1.38 1.87 -7.43
N GLU A 18 -1.06 3.16 -7.61
CA GLU A 18 -0.89 3.67 -9.02
C GLU A 18 -2.28 3.96 -9.60
N GLY A 19 -3.27 4.06 -8.75
CA GLY A 19 -4.64 4.35 -9.25
C GLY A 19 -5.05 3.28 -10.26
N GLU A 20 -4.83 2.03 -9.96
CA GLU A 20 -5.20 0.95 -10.91
C GLU A 20 -5.05 -0.41 -10.23
N LYS A 1 -8.69 -8.84 6.16
CA LYS A 1 -7.70 -8.52 5.08
C LYS A 1 -6.29 -8.56 5.66
N VAL A 2 -5.31 -8.81 4.83
CA VAL A 2 -3.90 -8.87 5.34
C VAL A 2 -3.37 -7.45 5.53
N GLY A 3 -4.11 -6.61 6.21
CA GLY A 3 -3.67 -5.20 6.45
C GLY A 3 -2.18 -5.15 6.74
N PHE A 4 -1.72 -6.15 7.42
CA PHE A 4 -0.30 -6.30 7.78
C PHE A 4 0.64 -5.65 6.82
N PHE A 5 0.64 -6.27 5.72
CA PHE A 5 1.51 -6.00 4.64
C PHE A 5 0.83 -5.02 3.74
N LYS A 6 -0.46 -5.07 3.76
CA LYS A 6 -1.22 -4.12 2.95
C LYS A 6 -0.99 -2.76 3.58
N ARG A 7 -0.41 -2.76 4.75
CA ARG A 7 -0.10 -1.49 5.46
C ARG A 7 1.36 -1.14 5.17
N ASN A 8 2.12 -2.11 4.78
CA ASN A 8 3.56 -1.86 4.48
C ASN A 8 3.72 -1.41 3.03
N ARG A 9 2.65 -1.39 2.28
CA ARG A 9 2.71 -0.96 0.85
C ARG A 9 3.65 0.26 0.70
N PRO A 10 4.87 0.06 0.19
CA PRO A 10 5.81 1.19 0.05
C PRO A 10 5.31 2.17 -1.03
N PRO A 11 5.40 3.47 -0.76
CA PRO A 11 4.99 4.50 -1.75
C PRO A 11 5.64 4.25 -3.12
N LEU A 12 5.71 5.27 -3.92
CA LEU A 12 6.26 5.14 -5.30
C LEU A 12 5.23 4.38 -6.11
N GLU A 13 4.25 4.05 -5.39
CA GLU A 13 3.04 3.38 -5.84
C GLU A 13 1.97 4.25 -5.18
N GLU A 14 2.48 5.27 -4.50
CA GLU A 14 1.70 6.28 -3.76
C GLU A 14 0.23 6.30 -4.19
N ASP A 15 -0.62 6.62 -3.27
CA ASP A 15 -2.09 6.66 -3.53
C ASP A 15 -2.64 5.28 -3.37
N ASP A 16 -2.04 4.52 -2.56
CA ASP A 16 -2.52 3.14 -2.40
C ASP A 16 -2.52 2.52 -3.77
N GLU A 17 -1.38 2.59 -4.39
CA GLU A 17 -1.16 2.04 -5.76
C GLU A 17 -1.33 3.14 -6.82
N GLU A 18 -1.40 4.43 -6.48
CA GLU A 18 -1.56 5.45 -7.58
C GLU A 18 -3.03 5.45 -7.97
N GLY A 19 -3.86 4.91 -7.11
CA GLY A 19 -5.33 4.87 -7.42
C GLY A 19 -5.54 4.39 -8.85
N GLU A 20 -4.67 3.58 -9.36
CA GLU A 20 -4.82 3.08 -10.76
C GLU A 20 -6.20 2.41 -10.91
N LYS A 1 -7.93 -9.15 4.96
CA LYS A 1 -7.33 -8.23 3.95
C LYS A 1 -5.81 -8.19 4.15
N VAL A 2 -5.29 -8.98 5.06
CA VAL A 2 -3.83 -8.98 5.29
C VAL A 2 -3.33 -7.55 5.47
N GLY A 3 -4.03 -6.79 6.26
CA GLY A 3 -3.62 -5.37 6.51
C GLY A 3 -2.12 -5.27 6.72
N PHE A 4 -1.59 -6.26 7.37
CA PHE A 4 -0.15 -6.36 7.66
C PHE A 4 0.72 -5.61 6.70
N PHE A 5 0.70 -6.16 5.57
CA PHE A 5 1.52 -5.79 4.47
C PHE A 5 0.76 -4.79 3.67
N LYS A 6 -0.51 -4.90 3.71
CA LYS A 6 -1.35 -3.94 2.98
C LYS A 6 -1.16 -2.60 3.69
N ARG A 7 -0.52 -2.64 4.84
CA ARG A 7 -0.25 -1.40 5.61
C ARG A 7 1.20 -1.00 5.37
N ASN A 8 1.98 -1.91 4.87
CA ASN A 8 3.42 -1.62 4.60
C ASN A 8 3.64 -1.46 3.09
N ARG A 9 2.59 -1.20 2.36
CA ARG A 9 2.70 -1.03 0.86
C ARG A 9 4.01 -0.28 0.51
N PRO A 10 5.04 -0.99 0.04
CA PRO A 10 6.31 -0.33 -0.31
C PRO A 10 6.08 0.62 -1.52
N PRO A 11 6.24 1.92 -1.34
CA PRO A 11 6.04 2.88 -2.46
C PRO A 11 6.85 2.47 -3.69
N LEU A 12 7.06 3.41 -4.57
CA LEU A 12 7.76 3.12 -5.86
C LEU A 12 6.95 2.03 -6.54
N GLU A 13 5.79 1.91 -6.01
CA GLU A 13 4.76 1.01 -6.49
C GLU A 13 3.65 1.99 -6.83
N GLU A 14 3.69 3.09 -6.10
CA GLU A 14 2.79 4.21 -6.30
C GLU A 14 1.35 3.76 -6.57
N ASP A 15 1.05 2.51 -6.36
CA ASP A 15 -0.36 2.05 -6.55
C ASP A 15 -0.50 0.61 -6.13
N ASP A 16 0.12 0.25 -5.09
CA ASP A 16 0.01 -1.14 -4.68
C ASP A 16 0.63 -2.00 -5.76
N GLU A 17 1.56 -1.39 -6.45
CA GLU A 17 2.34 -2.02 -7.56
C GLU A 17 2.12 -1.20 -8.82
N GLU A 18 1.62 0.02 -8.72
CA GLU A 18 1.40 0.77 -10.00
C GLU A 18 0.19 0.13 -10.66
N GLY A 19 -0.53 -0.66 -9.90
CA GLY A 19 -1.74 -1.34 -10.46
C GLY A 19 -1.30 -2.46 -11.39
N GLU A 20 -0.09 -2.93 -11.26
CA GLU A 20 0.40 -4.02 -12.13
C GLU A 20 -0.59 -5.19 -12.09
N LYS A 1 -8.56 -9.16 6.75
CA LYS A 1 -7.73 -8.67 5.60
C LYS A 1 -6.26 -8.70 6.00
N VAL A 2 -5.38 -8.87 5.05
CA VAL A 2 -3.92 -8.90 5.37
C VAL A 2 -3.40 -7.47 5.50
N GLY A 3 -4.12 -6.64 6.20
CA GLY A 3 -3.71 -5.22 6.40
C GLY A 3 -2.22 -5.15 6.68
N PHE A 4 -1.77 -6.09 7.42
CA PHE A 4 -0.35 -6.22 7.82
C PHE A 4 0.61 -5.59 6.84
N PHE A 5 0.63 -6.25 5.77
CA PHE A 5 1.52 -6.01 4.70
C PHE A 5 0.87 -5.04 3.77
N LYS A 6 -0.41 -5.09 3.76
CA LYS A 6 -1.16 -4.14 2.91
C LYS A 6 -0.92 -2.76 3.52
N ARG A 7 -0.36 -2.74 4.70
CA ARG A 7 -0.04 -1.46 5.37
C ARG A 7 1.43 -1.15 5.11
N ASN A 8 2.18 -2.14 4.73
CA ASN A 8 3.63 -1.94 4.45
C ASN A 8 3.82 -1.51 3.00
N ARG A 9 2.74 -1.33 2.28
CA ARG A 9 2.86 -0.92 0.84
C ARG A 9 3.40 0.53 0.79
N PRO A 10 4.46 0.80 0.04
CA PRO A 10 4.99 2.17 -0.06
C PRO A 10 3.87 3.13 -0.51
N PRO A 11 3.45 4.06 0.34
CA PRO A 11 2.39 5.02 -0.03
C PRO A 11 2.76 5.84 -1.27
N LEU A 12 3.40 5.24 -2.22
CA LEU A 12 3.74 5.95 -3.47
C LEU A 12 2.53 5.81 -4.36
N GLU A 13 1.54 5.27 -3.76
CA GLU A 13 0.23 5.07 -4.38
C GLU A 13 -0.63 6.14 -3.70
N GLU A 14 -0.11 6.58 -2.57
CA GLU A 14 -0.72 7.65 -1.77
C GLU A 14 -2.25 7.70 -1.93
N ASP A 15 -2.89 6.57 -2.10
CA ASP A 15 -4.37 6.59 -2.21
C ASP A 15 -4.93 5.22 -1.94
N ASP A 16 -4.36 4.53 -1.04
CA ASP A 16 -4.87 3.18 -0.78
C ASP A 16 -4.79 2.44 -2.09
N GLU A 17 -3.62 2.47 -2.66
CA GLU A 17 -3.33 1.83 -3.96
C GLU A 17 -3.57 2.81 -5.11
N GLU A 18 -3.69 4.13 -4.87
CA GLU A 18 -3.92 5.04 -6.05
C GLU A 18 -5.40 5.00 -6.42
N GLY A 19 -6.23 4.52 -5.52
CA GLY A 19 -7.69 4.44 -5.80
C GLY A 19 -8.32 3.38 -4.91
N GLU A 20 -9.43 3.69 -4.30
CA GLU A 20 -10.11 2.70 -3.41
C GLU A 20 -10.57 1.51 -4.24
N LYS A 1 -7.50 -9.38 3.18
CA LYS A 1 -7.44 -9.80 4.61
C LYS A 1 -5.97 -9.91 5.04
N VAL A 2 -5.19 -8.90 4.77
CA VAL A 2 -3.75 -8.95 5.16
C VAL A 2 -3.26 -7.52 5.42
N GLY A 3 -3.98 -6.77 6.22
CA GLY A 3 -3.58 -5.36 6.53
C GLY A 3 -2.08 -5.27 6.75
N PHE A 4 -1.56 -6.31 7.32
CA PHE A 4 -0.12 -6.44 7.61
C PHE A 4 0.75 -5.64 6.68
N PHE A 5 0.73 -6.15 5.53
CA PHE A 5 1.53 -5.73 4.46
C PHE A 5 0.77 -4.70 3.68
N LYS A 6 -0.51 -4.85 3.73
CA LYS A 6 -1.37 -3.86 3.03
C LYS A 6 -1.19 -2.55 3.77
N ARG A 7 -0.57 -2.62 4.92
CA ARG A 7 -0.29 -1.40 5.72
C ARG A 7 1.14 -0.96 5.45
N ASN A 8 1.93 -1.87 4.93
CA ASN A 8 3.36 -1.56 4.61
C ASN A 8 3.53 -1.48 3.10
N ARG A 9 2.49 -1.04 2.40
CA ARG A 9 2.53 -0.92 0.90
C ARG A 9 3.96 -0.64 0.41
N PRO A 10 4.70 -1.66 0.00
CA PRO A 10 6.07 -1.47 -0.50
C PRO A 10 6.04 -0.60 -1.77
N PRO A 11 6.61 0.60 -1.73
CA PRO A 11 6.62 1.48 -2.92
C PRO A 11 7.19 0.74 -4.15
N LEU A 12 7.70 1.50 -5.07
CA LEU A 12 8.21 0.89 -6.35
C LEU A 12 7.01 0.21 -6.96
N GLU A 13 5.91 0.61 -6.42
CA GLU A 13 4.58 0.19 -6.81
C GLU A 13 3.94 1.52 -7.17
N GLU A 14 4.38 2.54 -6.45
CA GLU A 14 3.98 3.94 -6.70
C GLU A 14 2.59 4.03 -7.32
N ASP A 15 1.75 3.07 -7.05
CA ASP A 15 0.37 3.11 -7.59
C ASP A 15 -0.49 2.25 -6.75
N ASP A 16 0.03 1.82 -5.66
CA ASP A 16 -0.76 0.95 -4.76
C ASP A 16 -1.46 -0.10 -5.61
N GLU A 17 -2.52 0.30 -6.21
CA GLU A 17 -3.23 -0.61 -7.12
C GLU A 17 -2.26 -1.05 -8.20
N GLU A 18 -1.15 -0.33 -8.39
CA GLU A 18 -0.13 -0.73 -9.45
C GLU A 18 -0.25 -2.22 -9.78
N GLY A 19 0.13 -3.03 -8.84
CA GLY A 19 0.08 -4.50 -9.04
C GLY A 19 -1.35 -5.00 -8.76
N GLU A 20 -1.57 -5.59 -7.63
CA GLU A 20 -2.94 -6.09 -7.30
C GLU A 20 -3.94 -4.95 -7.44
N LYS A 1 -7.33 -9.23 2.78
CA LYS A 1 -7.46 -9.55 4.23
C LYS A 1 -6.08 -9.70 4.86
N VAL A 2 -5.23 -8.72 4.67
CA VAL A 2 -3.86 -8.80 5.26
C VAL A 2 -3.32 -7.39 5.50
N GLY A 3 -4.09 -6.56 6.17
CA GLY A 3 -3.66 -5.16 6.46
C GLY A 3 -2.17 -5.11 6.77
N PHE A 4 -1.72 -6.12 7.42
CA PHE A 4 -0.31 -6.27 7.81
C PHE A 4 0.63 -5.63 6.84
N PHE A 5 0.64 -6.26 5.75
CA PHE A 5 1.53 -6.01 4.67
C PHE A 5 0.85 -5.04 3.75
N LYS A 6 -0.44 -5.09 3.77
CA LYS A 6 -1.21 -4.15 2.93
C LYS A 6 -0.98 -2.78 3.56
N ARG A 7 -0.41 -2.78 4.74
CA ARG A 7 -0.11 -1.52 5.45
C ARG A 7 1.34 -1.15 5.16
N ASN A 8 2.11 -2.11 4.77
CA ASN A 8 3.55 -1.86 4.46
C ASN A 8 3.70 -1.46 2.99
N ARG A 9 2.61 -1.42 2.26
CA ARG A 9 2.70 -1.04 0.83
C ARG A 9 3.50 0.27 0.70
N PRO A 10 4.53 0.32 -0.15
CA PRO A 10 5.31 1.56 -0.30
C PRO A 10 4.38 2.71 -0.71
N PRO A 11 4.56 3.90 -0.13
CA PRO A 11 3.73 5.08 -0.48
C PRO A 11 3.71 5.35 -2.00
N LEU A 12 3.59 4.34 -2.79
CA LEU A 12 3.52 4.55 -4.26
C LEU A 12 2.10 4.91 -4.59
N GLU A 13 1.36 5.01 -3.55
CA GLU A 13 -0.03 5.43 -3.59
C GLU A 13 0.05 6.89 -3.16
N GLU A 14 1.11 7.17 -2.44
CA GLU A 14 1.40 8.52 -1.98
C GLU A 14 0.11 9.29 -1.61
N ASP A 15 -0.93 8.57 -1.27
CA ASP A 15 -2.19 9.25 -0.84
C ASP A 15 -3.06 8.31 -0.06
N ASP A 16 -2.48 7.54 0.75
CA ASP A 16 -3.31 6.58 1.51
C ASP A 16 -4.11 5.78 0.50
N GLU A 17 -3.39 5.25 -0.45
CA GLU A 17 -3.96 4.44 -1.55
C GLU A 17 -4.10 5.30 -2.81
N GLU A 18 -3.54 6.51 -2.87
CA GLU A 18 -3.73 7.32 -4.12
C GLU A 18 -5.13 7.90 -4.08
N GLY A 19 -5.73 7.91 -2.91
CA GLY A 19 -7.10 8.46 -2.78
C GLY A 19 -7.72 8.01 -1.46
N GLU A 20 -8.42 8.87 -0.79
CA GLU A 20 -9.04 8.49 0.51
C GLU A 20 -9.84 7.20 0.33
N LYS A 1 -8.21 -10.03 5.97
CA LYS A 1 -7.67 -8.66 5.75
C LYS A 1 -6.16 -8.66 6.04
N VAL A 2 -5.35 -8.90 5.04
CA VAL A 2 -3.88 -8.92 5.26
C VAL A 2 -3.37 -7.49 5.46
N GLY A 3 -4.04 -6.74 6.28
CA GLY A 3 -3.61 -5.32 6.54
C GLY A 3 -2.11 -5.27 6.74
N PHE A 4 -1.61 -6.28 7.36
CA PHE A 4 -0.16 -6.43 7.65
C PHE A 4 0.72 -5.70 6.68
N PHE A 5 0.67 -6.25 5.54
CA PHE A 5 1.49 -5.90 4.46
C PHE A 5 0.75 -4.86 3.65
N LYS A 6 -0.53 -4.94 3.71
CA LYS A 6 -1.33 -3.94 2.99
C LYS A 6 -1.12 -2.62 3.72
N ARG A 7 -0.50 -2.70 4.87
CA ARG A 7 -0.19 -1.49 5.67
C ARG A 7 1.25 -1.09 5.39
N ASN A 8 2.02 -2.01 4.86
CA ASN A 8 3.45 -1.71 4.57
C ASN A 8 3.56 -1.08 3.18
N ARG A 9 2.53 -1.25 2.38
CA ARG A 9 2.51 -0.67 1.00
C ARG A 9 3.92 -0.67 0.38
N PRO A 10 4.43 -1.85 0.08
CA PRO A 10 5.77 -1.98 -0.51
C PRO A 10 5.80 -1.38 -1.93
N PRO A 11 6.97 -0.98 -2.38
CA PRO A 11 7.16 -0.42 -3.74
C PRO A 11 6.48 -1.29 -4.80
N LEU A 12 6.97 -1.17 -6.00
CA LEU A 12 6.36 -1.92 -7.15
C LEU A 12 5.00 -1.32 -7.36
N GLU A 13 4.80 -0.29 -6.63
CA GLU A 13 3.61 0.55 -6.69
C GLU A 13 4.19 1.87 -7.14
N GLU A 14 5.47 1.99 -6.85
CA GLU A 14 6.28 3.14 -7.25
C GLU A 14 5.47 4.45 -7.26
N ASP A 15 4.44 4.53 -6.47
CA ASP A 15 3.68 5.80 -6.40
C ASP A 15 2.69 5.75 -5.27
N ASP A 16 3.06 5.19 -4.21
CA ASP A 16 2.12 5.10 -3.09
C ASP A 16 0.85 4.44 -3.58
N GLU A 17 1.05 3.44 -4.39
CA GLU A 17 -0.04 2.62 -5.01
C GLU A 17 -0.01 2.81 -6.52
N GLU A 18 1.01 3.43 -7.10
CA GLU A 18 0.96 3.62 -8.58
C GLU A 18 -0.06 4.72 -8.82
N GLY A 19 -0.41 5.43 -7.77
CA GLY A 19 -1.39 6.53 -7.90
C GLY A 19 -0.92 7.53 -8.96
N GLU A 20 -0.48 8.69 -8.53
CA GLU A 20 0.00 9.71 -9.52
C GLU A 20 0.85 10.74 -8.80
N LYS A 1 -7.82 -9.55 3.67
CA LYS A 1 -7.43 -8.16 4.06
C LYS A 1 -6.19 -8.22 4.96
N VAL A 2 -5.11 -8.76 4.46
CA VAL A 2 -3.88 -8.84 5.28
C VAL A 2 -3.33 -7.42 5.52
N GLY A 3 -4.09 -6.59 6.18
CA GLY A 3 -3.66 -5.18 6.46
C GLY A 3 -2.17 -5.14 6.77
N PHE A 4 -1.72 -6.14 7.43
CA PHE A 4 -0.31 -6.30 7.82
C PHE A 4 0.64 -5.64 6.86
N PHE A 5 0.66 -6.26 5.76
CA PHE A 5 1.53 -5.98 4.69
C PHE A 5 0.85 -5.01 3.78
N LYS A 6 -0.44 -5.07 3.79
CA LYS A 6 -1.22 -4.13 2.98
C LYS A 6 -0.99 -2.76 3.62
N ARG A 7 -0.41 -2.77 4.79
CA ARG A 7 -0.11 -1.50 5.50
C ARG A 7 1.33 -1.12 5.17
N ASN A 8 2.11 -2.09 4.80
CA ASN A 8 3.54 -1.82 4.46
C ASN A 8 3.65 -1.51 2.97
N ARG A 9 2.54 -1.22 2.33
CA ARG A 9 2.56 -0.91 0.88
C ARG A 9 3.59 0.22 0.62
N PRO A 10 4.63 -0.02 -0.17
CA PRO A 10 5.62 1.03 -0.45
C PRO A 10 4.91 2.24 -1.10
N PRO A 11 4.88 3.39 -0.44
CA PRO A 11 4.21 4.58 -1.00
C PRO A 11 4.68 4.87 -2.44
N LEU A 12 4.40 6.07 -2.89
CA LEU A 12 4.74 6.49 -4.28
C LEU A 12 3.58 6.07 -5.14
N GLU A 13 2.85 5.23 -4.56
CA GLU A 13 1.58 4.72 -5.06
C GLU A 13 0.59 5.35 -4.08
N GLU A 14 1.18 5.99 -3.07
CA GLU A 14 0.49 6.71 -1.99
C GLU A 14 -1.01 6.41 -1.91
N ASP A 15 -1.81 6.75 -2.88
CA ASP A 15 -3.25 6.42 -2.77
C ASP A 15 -3.46 4.98 -3.16
N ASP A 16 -2.64 4.12 -2.71
CA ASP A 16 -2.80 2.73 -3.14
C ASP A 16 -2.73 2.74 -4.65
N GLU A 17 -1.67 3.32 -5.12
CA GLU A 17 -1.39 3.47 -6.57
C GLU A 17 -1.81 4.88 -7.01
N GLU A 18 -2.13 5.80 -6.09
CA GLU A 18 -2.52 7.16 -6.57
C GLU A 18 -3.94 7.03 -7.15
N GLY A 19 -4.62 5.97 -6.81
CA GLY A 19 -6.01 5.77 -7.33
C GLY A 19 -6.81 7.05 -7.13
N GLU A 20 -7.39 7.57 -8.18
CA GLU A 20 -8.19 8.82 -8.04
C GLU A 20 -7.38 9.87 -7.28
N LYS A 1 -8.46 -9.52 5.66
CA LYS A 1 -7.73 -8.28 5.30
C LYS A 1 -6.27 -8.40 5.75
N VAL A 2 -5.39 -8.71 4.84
CA VAL A 2 -3.95 -8.83 5.22
C VAL A 2 -3.38 -7.44 5.46
N GLY A 3 -4.09 -6.63 6.19
CA GLY A 3 -3.63 -5.24 6.50
C GLY A 3 -2.14 -5.21 6.78
N PHE A 4 -1.68 -6.23 7.40
CA PHE A 4 -0.26 -6.40 7.76
C PHE A 4 0.67 -5.73 6.78
N PHE A 5 0.65 -6.34 5.68
CA PHE A 5 1.51 -6.05 4.60
C PHE A 5 0.82 -5.04 3.73
N LYS A 6 -0.46 -5.07 3.77
CA LYS A 6 -1.24 -4.09 2.99
C LYS A 6 -1.00 -2.75 3.68
N ARG A 7 -0.41 -2.80 4.85
CA ARG A 7 -0.11 -1.57 5.60
C ARG A 7 1.33 -1.17 5.27
N ASN A 8 2.10 -2.11 4.81
CA ASN A 8 3.51 -1.80 4.45
C ASN A 8 3.54 -1.07 3.11
N ARG A 9 2.49 -1.21 2.35
CA ARG A 9 2.37 -0.52 1.02
C ARG A 9 3.76 -0.33 0.37
N PRO A 10 4.34 -1.39 -0.14
CA PRO A 10 5.66 -1.30 -0.78
C PRO A 10 5.60 -0.29 -1.93
N PRO A 11 6.69 0.42 -2.18
CA PRO A 11 6.76 1.41 -3.28
C PRO A 11 6.31 0.83 -4.63
N LEU A 12 5.24 0.11 -4.66
CA LEU A 12 4.73 -0.42 -5.94
C LEU A 12 3.88 0.66 -6.54
N GLU A 13 3.95 1.75 -5.89
CA GLU A 13 3.30 3.00 -6.29
C GLU A 13 4.46 3.87 -6.75
N GLU A 14 5.62 3.46 -6.31
CA GLU A 14 6.90 4.10 -6.68
C GLU A 14 6.73 5.59 -7.01
N ASP A 15 6.02 6.31 -6.19
CA ASP A 15 5.85 7.77 -6.43
C ASP A 15 5.43 8.45 -5.14
N ASP A 16 5.91 8.00 -4.07
CA ASP A 16 5.47 8.60 -2.82
C ASP A 16 3.99 8.32 -2.71
N GLU A 17 3.64 7.14 -3.17
CA GLU A 17 2.23 6.66 -3.17
C GLU A 17 1.58 6.93 -4.54
N GLU A 18 2.34 7.08 -5.63
CA GLU A 18 1.65 7.34 -6.94
C GLU A 18 1.20 8.80 -6.98
N GLY A 19 1.75 9.61 -6.10
CA GLY A 19 1.36 11.05 -6.07
C GLY A 19 2.14 11.81 -7.15
N GLU A 20 3.02 12.69 -6.75
CA GLU A 20 3.81 13.46 -7.75
C GLU A 20 5.01 14.10 -7.07
#